data_6RA0
#
_entry.id   6RA0
#
_cell.length_a   45.413
_cell.length_b   83.018
_cell.length_c   37.080
_cell.angle_alpha   90.000
_cell.angle_beta   90.000
_cell.angle_gamma   90.000
#
_symmetry.space_group_name_H-M   'P 21 21 2'
#
loop_
_entity.id
_entity.type
_entity.pdbx_description
1 polymer 'Serine/threonine-protein kinase dkf-1'
2 non-polymer 'ZINC ION'
#
_entity_poly.entity_id   1
_entity_poly.type   'polypeptide(L)'
_entity_poly.pdbx_seq_one_letter_code
;GAMDGSQGSTDYGDHVVLRYGGTREMVPLIRHEQMLDMLMERARQIVQGFGNLDTRNMYLFRHEYNSPTLLYPITSASQI
TSGSILEIILVDRTEAAVIPHVVEPESYMRPTFCDFCGEMLTGLMRQGVKCKNCNGNFHKRCSNAARNNCGAP
;
_entity_poly.pdbx_strand_id   A
#
# COMPACT_ATOMS: atom_id res chain seq x y z
N ASP A 14 9.60 -5.68 12.48
CA ASP A 14 9.62 -6.49 11.26
C ASP A 14 8.22 -6.72 10.72
N HIS A 15 7.77 -5.81 9.86
CA HIS A 15 6.38 -5.73 9.45
C HIS A 15 6.24 -5.90 7.93
N VAL A 16 4.99 -6.03 7.49
CA VAL A 16 4.56 -5.69 6.14
C VAL A 16 3.35 -4.77 6.29
N VAL A 17 2.97 -4.13 5.19
CA VAL A 17 1.78 -3.27 5.13
C VAL A 17 0.79 -3.88 4.15
N LEU A 18 -0.48 -3.96 4.57
CA LEU A 18 -1.56 -4.37 3.69
C LEU A 18 -2.34 -3.12 3.31
N ARG A 19 -2.81 -3.05 2.04
CA ARG A 19 -3.63 -1.93 1.65
C ARG A 19 -4.89 -2.40 0.91
N TYR A 20 -6.03 -1.82 1.26
CA TYR A 20 -7.25 -2.02 0.50
C TYR A 20 -8.15 -0.79 0.66
N GLY A 21 -8.88 -0.47 -0.40
CA GLY A 21 -9.77 0.66 -0.34
C GLY A 21 -8.96 1.93 -0.21
N GLY A 22 -9.01 2.54 0.97
CA GLY A 22 -8.14 3.67 1.24
C GLY A 22 -7.48 3.50 2.60
N THR A 23 -7.22 2.25 2.97
CA THR A 23 -6.80 1.93 4.32
C THR A 23 -5.52 1.11 4.32
N ARG A 24 -4.59 1.46 5.21
CA ARG A 24 -3.37 0.68 5.45
C ARG A 24 -3.40 0.09 6.86
N GLU A 25 -2.74 -1.07 7.01
CA GLU A 25 -2.65 -1.81 8.27
C GLU A 25 -1.28 -2.49 8.36
N MET A 26 -0.66 -2.43 9.56
CA MET A 26 0.61 -3.09 9.85
C MET A 26 0.35 -4.52 10.34
N VAL A 27 1.14 -5.48 9.87
CA VAL A 27 1.02 -6.89 10.27
C VAL A 27 2.43 -7.41 10.56
N PRO A 28 2.67 -8.03 11.72
CA PRO A 28 4.03 -8.48 12.04
C PRO A 28 4.44 -9.65 11.15
N LEU A 29 5.63 -9.54 10.57
CA LEU A 29 6.13 -10.52 9.62
C LEU A 29 6.98 -11.55 10.37
N ILE A 30 6.41 -12.75 10.58
CA ILE A 30 7.12 -13.95 11.02
C ILE A 30 7.54 -14.73 9.79
N ARG A 31 8.69 -15.41 9.84
CA ARG A 31 8.97 -16.44 8.85
C ARG A 31 8.53 -17.76 9.47
N HIS A 32 7.51 -18.36 8.87
CA HIS A 32 6.76 -19.49 9.40
C HIS A 32 5.82 -19.96 8.31
N GLU A 33 5.55 -21.28 8.29
CA GLU A 33 4.91 -21.93 7.15
C GLU A 33 3.56 -21.31 6.82
N GLN A 34 2.82 -20.89 7.83
CA GLN A 34 1.50 -20.34 7.66
C GLN A 34 1.49 -18.81 7.66
N MET A 35 2.67 -18.17 7.57
CA MET A 35 2.71 -16.73 7.49
C MET A 35 1.76 -16.21 6.42
N LEU A 36 1.77 -16.84 5.24
CA LEU A 36 0.94 -16.38 4.13
C LEU A 36 -0.54 -16.63 4.40
N ASP A 37 -0.88 -17.82 4.92
CA ASP A 37 -2.26 -18.07 5.37
C ASP A 37 -2.78 -16.90 6.19
N MET A 38 -2.01 -16.49 7.19
CA MET A 38 -2.44 -15.44 8.10
C MET A 38 -2.57 -14.07 7.43
N LEU A 39 -1.61 -13.69 6.60
CA LEU A 39 -1.77 -12.42 5.91
C LEU A 39 -3.06 -12.42 5.09
N MET A 40 -3.33 -13.55 4.44
CA MET A 40 -4.52 -13.65 3.60
C MET A 40 -5.80 -13.46 4.41
N GLU A 41 -5.85 -14.03 5.63
CA GLU A 41 -7.06 -13.88 6.42
C GLU A 41 -7.20 -12.49 7.03
N ARG A 42 -6.08 -11.82 7.34
CA ARG A 42 -6.16 -10.40 7.68
C ARG A 42 -6.71 -9.62 6.50
N ALA A 43 -6.16 -9.87 5.32
CA ALA A 43 -6.64 -9.25 4.09
C ALA A 43 -8.14 -9.42 3.93
N ARG A 44 -8.60 -10.67 4.00
CA ARG A 44 -10.04 -10.95 3.91
C ARG A 44 -10.81 -10.14 4.92
N GLN A 45 -10.30 -10.03 6.14
CA GLN A 45 -10.99 -9.28 7.18
C GLN A 45 -11.04 -7.80 6.85
N ILE A 46 -9.93 -7.23 6.33
CA ILE A 46 -9.92 -5.85 5.89
C ILE A 46 -11.02 -5.59 4.86
N VAL A 47 -11.15 -6.48 3.88
CA VAL A 47 -12.09 -6.21 2.80
C VAL A 47 -13.54 -6.33 3.28
N GLN A 48 -13.85 -7.36 4.07
CA GLN A 48 -15.19 -7.42 4.65
C GLN A 48 -15.43 -6.24 5.58
N GLY A 49 -14.37 -5.60 6.06
CA GLY A 49 -14.51 -4.29 6.68
C GLY A 49 -15.17 -3.28 5.78
N PHE A 50 -15.10 -3.47 4.46
CA PHE A 50 -15.76 -2.57 3.52
C PHE A 50 -17.17 -3.03 3.17
N GLY A 51 -17.44 -4.33 3.24
CA GLY A 51 -18.81 -4.78 3.12
C GLY A 51 -19.00 -6.04 2.32
N ASN A 52 -18.87 -7.20 2.98
CA ASN A 52 -19.21 -8.52 2.42
C ASN A 52 -18.87 -8.72 0.96
N LEU A 53 -17.93 -7.95 0.41
CA LEU A 53 -17.48 -8.21 -0.95
C LEU A 53 -16.99 -9.64 -1.02
N ASP A 54 -17.40 -10.36 -2.06
CA ASP A 54 -16.88 -11.70 -2.27
C ASP A 54 -15.35 -11.63 -2.45
N THR A 55 -14.69 -12.75 -2.13
CA THR A 55 -13.28 -12.73 -1.75
C THR A 55 -12.49 -13.89 -2.35
N ARG A 56 -13.11 -14.72 -3.20
CA ARG A 56 -12.48 -15.92 -3.72
C ARG A 56 -11.35 -15.60 -4.69
N ASN A 57 -11.35 -14.44 -5.31
CA ASN A 57 -10.23 -14.14 -6.18
C ASN A 57 -9.37 -13.01 -5.61
N MET A 58 -9.24 -12.99 -4.28
CA MET A 58 -8.38 -12.01 -3.62
C MET A 58 -6.93 -12.43 -3.70
N TYR A 59 -6.08 -11.52 -4.15
CA TYR A 59 -4.66 -11.77 -4.30
C TYR A 59 -3.91 -10.61 -3.68
N LEU A 60 -2.69 -10.91 -3.24
CA LEU A 60 -1.78 -9.88 -2.76
C LEU A 60 -0.73 -9.65 -3.83
N PHE A 61 -0.43 -8.39 -4.09
CA PHE A 61 0.63 -8.00 -5.01
C PHE A 61 1.59 -7.08 -4.26
N ARG A 62 2.88 -7.34 -4.38
CA ARG A 62 3.88 -6.45 -3.80
C ARG A 62 4.33 -5.45 -4.84
N HIS A 63 4.86 -4.33 -4.36
CA HIS A 63 5.45 -3.33 -5.25
C HIS A 63 6.91 -3.67 -5.49
N GLU A 64 7.37 -3.49 -6.72
CA GLU A 64 8.75 -3.86 -7.02
C GLU A 64 9.74 -2.95 -6.29
N TYR A 65 10.82 -3.56 -5.80
CA TYR A 65 12.04 -2.90 -5.38
C TYR A 65 12.41 -1.78 -6.32
N ASN A 66 12.48 -0.55 -5.80
CA ASN A 66 12.94 0.60 -6.54
C ASN A 66 12.00 1.01 -7.67
N SER A 67 10.82 0.41 -7.79
CA SER A 67 9.88 0.75 -8.87
C SER A 67 8.45 0.51 -8.42
N PRO A 68 7.89 1.45 -7.66
CA PRO A 68 6.58 1.22 -7.04
C PRO A 68 5.41 1.30 -8.00
N THR A 69 5.62 1.64 -9.27
CA THR A 69 4.52 1.58 -10.22
C THR A 69 4.22 0.16 -10.69
N LEU A 70 5.07 -0.80 -10.36
CA LEU A 70 4.95 -2.17 -10.81
C LEU A 70 4.52 -3.06 -9.65
N LEU A 71 3.56 -3.95 -9.93
CA LEU A 71 3.11 -4.97 -8.97
C LEU A 71 3.48 -6.37 -9.45
N TYR A 72 3.76 -7.26 -8.48
CA TYR A 72 4.03 -8.68 -8.72
C TYR A 72 3.11 -9.48 -7.79
N PRO A 73 2.41 -10.49 -8.30
CA PRO A 73 1.53 -11.29 -7.41
C PRO A 73 2.34 -12.15 -6.45
N ILE A 74 1.86 -12.26 -5.20
CA ILE A 74 2.46 -13.16 -4.22
C ILE A 74 1.86 -14.55 -4.37
N THR A 75 2.72 -15.56 -4.53
CA THR A 75 2.32 -16.96 -4.67
C THR A 75 2.88 -17.85 -3.56
N SER A 76 4.11 -17.60 -3.11
CA SER A 76 4.66 -18.30 -1.95
C SER A 76 5.04 -17.30 -0.87
N ALA A 77 5.06 -17.78 0.38
CA ALA A 77 5.38 -16.92 1.50
C ALA A 77 6.74 -16.25 1.36
N SER A 78 7.61 -16.80 0.50
CA SER A 78 9.00 -16.34 0.45
C SER A 78 9.13 -15.00 -0.24
N GLN A 79 8.22 -14.69 -1.19
CA GLN A 79 8.28 -13.42 -1.89
C GLN A 79 7.97 -12.24 -0.97
N ILE A 80 7.42 -12.50 0.21
CA ILE A 80 7.16 -11.45 1.18
C ILE A 80 8.49 -11.11 1.87
N THR A 81 8.94 -9.86 1.69
CA THR A 81 10.12 -9.37 2.39
C THR A 81 9.70 -8.26 3.35
N SER A 82 10.39 -8.18 4.50
CA SER A 82 10.08 -7.19 5.52
C SER A 82 10.09 -5.78 4.94
N GLY A 83 9.13 -4.95 5.37
CA GLY A 83 8.93 -3.62 4.85
C GLY A 83 8.11 -3.50 3.57
N SER A 84 7.76 -4.60 2.93
CA SER A 84 7.11 -4.48 1.63
C SER A 84 5.66 -4.05 1.78
N ILE A 85 5.17 -3.33 0.77
CA ILE A 85 3.79 -2.86 0.72
C ILE A 85 3.01 -3.85 -0.14
N LEU A 86 2.10 -4.61 0.47
CA LEU A 86 1.29 -5.59 -0.27
C LEU A 86 -0.08 -5.01 -0.57
N GLU A 87 -0.49 -5.08 -1.83
CA GLU A 87 -1.81 -4.61 -2.25
C GLU A 87 -2.82 -5.76 -2.24
N ILE A 88 -4.01 -5.46 -1.76
CA ILE A 88 -5.08 -6.44 -1.69
C ILE A 88 -5.95 -6.12 -2.87
N ILE A 89 -6.13 -7.08 -3.77
CA ILE A 89 -6.77 -6.83 -5.06
C ILE A 89 -7.78 -7.92 -5.32
N LEU A 90 -9.03 -7.55 -5.55
CA LEU A 90 -10.04 -8.50 -5.99
C LEU A 90 -9.99 -8.53 -7.51
N VAL A 91 -9.29 -9.53 -8.06
CA VAL A 91 -8.98 -9.55 -9.50
C VAL A 91 -10.14 -9.97 -10.37
N ASP A 92 -11.23 -10.45 -9.79
CA ASP A 92 -12.40 -10.79 -10.60
C ASP A 92 -13.26 -9.58 -10.87
N ARG A 93 -12.79 -8.38 -10.58
CA ARG A 93 -13.76 -7.32 -10.37
C ARG A 93 -13.48 -6.15 -11.31
N THR A 94 -14.58 -5.66 -11.91
CA THR A 94 -14.62 -4.76 -13.06
C THR A 94 -13.56 -3.68 -12.99
N GLU A 95 -12.82 -3.50 -14.08
CA GLU A 95 -11.77 -2.49 -14.05
C GLU A 95 -12.43 -1.11 -14.09
N ALA A 96 -11.68 -0.11 -13.62
CA ALA A 96 -12.15 1.27 -13.59
C ALA A 96 -10.94 2.18 -13.56
N ALA A 97 -11.12 3.40 -14.09
CA ALA A 97 -10.00 4.30 -14.31
C ALA A 97 -9.35 4.74 -12.99
N VAL A 98 -8.01 4.80 -13.00
CA VAL A 98 -7.25 5.26 -11.84
C VAL A 98 -7.52 6.73 -11.58
N ILE A 99 -7.41 7.13 -10.32
CA ILE A 99 -7.55 8.53 -9.93
C ILE A 99 -6.22 8.98 -9.32
N PRO A 100 -5.38 9.67 -10.08
CA PRO A 100 -4.02 9.96 -9.60
C PRO A 100 -3.95 11.23 -8.78
N HIS A 101 -3.09 11.21 -7.75
CA HIS A 101 -2.75 12.43 -7.05
C HIS A 101 -2.09 13.42 -8.00
N VAL A 102 -2.51 14.68 -7.94
CA VAL A 102 -1.78 15.79 -8.55
C VAL A 102 -1.01 16.50 -7.45
N VAL A 103 0.31 16.54 -7.61
CA VAL A 103 1.19 16.70 -6.46
C VAL A 103 2.27 17.72 -6.80
N GLU A 104 2.77 18.38 -5.77
CA GLU A 104 3.85 19.34 -5.87
C GLU A 104 4.69 19.29 -4.63
N PRO A 105 5.95 19.67 -4.65
CA PRO A 105 6.82 19.51 -3.50
C PRO A 105 6.30 20.27 -2.29
N GLU A 106 6.78 19.85 -1.12
CA GLU A 106 6.34 20.45 0.13
C GLU A 106 7.41 20.19 1.19
N SER A 107 7.76 21.23 1.93
CA SER A 107 8.62 21.13 3.10
C SER A 107 7.76 20.96 4.34
N TYR A 108 8.19 20.12 5.28
CA TYR A 108 7.40 19.79 6.46
C TYR A 108 8.14 20.20 7.73
N MET A 109 7.41 20.83 8.66
CA MET A 109 8.03 21.42 9.85
C MET A 109 7.86 20.58 11.11
N ARG A 110 6.92 19.64 11.13
CA ARG A 110 6.81 18.64 12.18
C ARG A 110 6.94 17.27 11.52
N PRO A 111 7.34 16.25 12.28
CA PRO A 111 7.49 14.92 11.68
C PRO A 111 6.15 14.43 11.16
N THR A 112 6.12 14.10 9.86
CA THR A 112 4.93 13.58 9.21
C THR A 112 5.26 12.33 8.41
N PHE A 113 4.27 11.45 8.29
CA PHE A 113 4.47 10.15 7.68
C PHE A 113 3.91 10.15 6.27
N CYS A 114 4.57 9.39 5.39
CA CYS A 114 4.07 9.17 4.02
C CYS A 114 2.75 8.42 4.05
N ASP A 115 1.70 9.06 3.54
CA ASP A 115 0.36 8.50 3.71
C ASP A 115 0.22 7.14 3.02
N PHE A 116 1.02 6.85 2.00
CA PHE A 116 0.92 5.59 1.28
C PHE A 116 1.68 4.48 2.03
N CYS A 117 2.98 4.67 2.24
CA CYS A 117 3.85 3.60 2.74
C CYS A 117 3.97 3.59 4.26
N GLY A 118 3.64 4.69 4.93
CA GLY A 118 3.64 4.73 6.38
C GLY A 118 4.96 5.12 7.04
N GLU A 119 6.07 5.17 6.28
CA GLU A 119 7.36 5.58 6.80
C GLU A 119 7.49 7.10 6.79
N MET A 120 8.43 7.59 7.58
CA MET A 120 8.54 9.03 7.77
C MET A 120 9.14 9.69 6.55
N LEU A 121 8.59 10.84 6.18
CA LEU A 121 9.31 11.76 5.29
C LEU A 121 10.59 12.19 6.00
N THR A 122 11.73 12.00 5.36
CA THR A 122 12.96 12.48 5.99
C THR A 122 13.61 13.54 5.10
N GLY A 123 14.59 14.24 5.66
CA GLY A 123 15.26 15.33 4.99
C GLY A 123 15.11 16.64 5.75
N LEU A 124 15.71 17.69 5.18
CA LEU A 124 15.74 19.03 5.78
C LEU A 124 14.65 19.94 5.20
N MET A 125 14.67 20.17 3.89
CA MET A 125 13.58 20.79 3.18
C MET A 125 12.98 19.78 2.22
N ARG A 126 11.76 20.05 1.75
CA ARG A 126 11.15 19.35 0.62
C ARG A 126 11.19 17.83 0.79
N GLN A 127 10.73 17.36 1.96
CA GLN A 127 10.89 15.97 2.33
C GLN A 127 9.97 15.04 1.53
N GLY A 128 8.93 15.59 0.93
CA GLY A 128 8.05 14.81 0.10
C GLY A 128 7.19 15.74 -0.72
N VAL A 129 6.11 15.17 -1.26
CA VAL A 129 5.19 15.89 -2.11
C VAL A 129 3.82 15.88 -1.46
N LYS A 130 3.01 16.90 -1.74
CA LYS A 130 1.67 17.06 -1.19
C LYS A 130 0.68 17.19 -2.33
N CYS A 131 -0.42 16.44 -2.24
CA CYS A 131 -1.43 16.46 -3.27
C CYS A 131 -2.44 17.59 -3.04
N LYS A 132 -2.80 18.29 -4.12
CA LYS A 132 -3.63 19.49 -3.98
C LYS A 132 -5.07 19.16 -3.69
N ASN A 133 -5.55 18.01 -4.15
CA ASN A 133 -6.96 17.66 -4.08
C ASN A 133 -7.30 16.76 -2.89
N CYS A 134 -6.47 15.77 -2.56
CA CYS A 134 -6.72 14.95 -1.37
C CYS A 134 -5.79 15.27 -0.21
N ASN A 135 -4.88 16.24 -0.40
CA ASN A 135 -4.07 16.83 0.66
C ASN A 135 -3.10 15.84 1.31
N GLY A 136 -2.83 14.72 0.66
CA GLY A 136 -1.95 13.74 1.25
C GLY A 136 -0.49 14.12 1.16
N ASN A 137 0.32 13.39 1.92
CA ASN A 137 1.76 13.59 2.02
C ASN A 137 2.46 12.27 1.66
N PHE A 138 3.31 12.29 0.63
CA PHE A 138 4.00 11.08 0.16
C PHE A 138 5.43 11.38 -0.21
N HIS A 139 6.28 10.36 -0.16
CA HIS A 139 7.56 10.46 -0.89
C HIS A 139 7.27 10.60 -2.38
N LYS A 140 8.20 11.23 -3.09
CA LYS A 140 8.04 11.32 -4.54
C LYS A 140 7.92 9.95 -5.17
N ARG A 141 8.79 9.01 -4.77
CA ARG A 141 8.65 7.65 -5.26
C ARG A 141 7.28 7.07 -4.91
N CYS A 142 6.59 7.62 -3.91
CA CYS A 142 5.32 7.03 -3.49
C CYS A 142 4.09 7.70 -4.10
N SER A 143 4.19 8.95 -4.54
CA SER A 143 2.99 9.68 -4.92
C SER A 143 2.25 9.04 -6.09
N ASN A 144 2.90 8.15 -6.84
CA ASN A 144 2.25 7.49 -7.96
C ASN A 144 2.52 5.99 -7.95
N ALA A 145 2.72 5.40 -6.77
CA ALA A 145 2.77 3.94 -6.71
C ALA A 145 1.49 3.35 -7.31
N ALA A 146 1.57 2.13 -7.81
CA ALA A 146 0.35 1.45 -8.23
C ALA A 146 -0.62 1.37 -7.06
N ARG A 147 -1.90 1.62 -7.33
CA ARG A 147 -2.98 1.53 -6.35
C ARG A 147 -2.91 2.59 -5.28
N ASN A 148 -2.14 3.64 -5.47
CA ASN A 148 -2.19 4.77 -4.56
C ASN A 148 -3.13 5.81 -5.15
N ASN A 149 -4.42 5.45 -5.19
CA ASN A 149 -5.40 6.30 -5.86
C ASN A 149 -5.88 7.42 -4.93
N CYS A 150 -6.28 8.52 -5.55
CA CYS A 150 -6.58 9.75 -4.83
C CYS A 150 -8.07 9.69 -4.50
N GLY A 151 -8.39 9.40 -3.25
CA GLY A 151 -9.76 9.35 -2.79
C GLY A 151 -10.06 10.47 -1.82
#